data_3R0A
#
_entry.id   3R0A
#
_cell.length_a   50.126
_cell.length_b   67.059
_cell.length_c   72.777
_cell.angle_alpha   90.00
_cell.angle_beta   90.00
_cell.angle_gamma   90.00
#
_symmetry.space_group_name_H-M   'P 21 21 21'
#
loop_
_entity.id
_entity.type
_entity.pdbx_description
1 polymer 'Putative transcriptional regulator'
2 water water
#
_entity_poly.entity_id   1
_entity_poly.type   'polypeptide(L)'
_entity_poly.pdbx_seq_one_letter_code
;SNA(MSE)IDFACKEFKVEDVIKCALNLTKADLNV(MSE)KSFLNEPDRWIDTDALSKSLKLDVSTVQRSVKKLHEKEIL
QRSQQNLDGGGYVYIYKIYSKNQIRNIIQKIVQSWADRLGQELKEWENGGE
;
_entity_poly.pdbx_strand_id   A,B
#
# COMPACT_ATOMS: atom_id res chain seq x y z
N SER A 1 14.79 -5.43 6.30
CA SER A 1 16.06 -5.85 6.96
C SER A 1 16.70 -4.63 7.63
N ASN A 2 16.01 -4.10 8.66
CA ASN A 2 16.19 -2.73 9.18
C ASN A 2 15.82 -1.60 8.18
N ALA A 3 15.79 -1.94 6.89
CA ALA A 3 15.44 -1.01 5.79
C ALA A 3 14.07 -0.33 5.95
N MSE A 4 13.97 0.89 5.43
CA MSE A 4 12.74 1.66 5.45
C MSE A 4 12.14 1.73 4.06
O MSE A 4 12.86 1.87 3.07
CB MSE A 4 13.01 3.08 5.92
CG MSE A 4 13.71 3.19 7.25
SE MSE A 4 12.53 2.70 8.69
CE MSE A 4 11.13 4.06 8.52
N ILE A 5 10.82 1.62 4.00
CA ILE A 5 10.10 1.95 2.78
C ILE A 5 9.01 2.99 3.04
N ASP A 6 8.67 3.70 1.96
CA ASP A 6 7.51 4.56 1.98
C ASP A 6 6.39 3.95 1.14
N PHE A 7 5.19 3.97 1.70
CA PHE A 7 3.98 3.62 0.98
C PHE A 7 2.98 4.72 1.24
N ALA A 8 2.27 5.14 0.21
CA ALA A 8 1.32 6.26 0.32
C ALA A 8 1.87 7.42 1.18
N CYS A 9 3.07 7.90 0.82
CA CYS A 9 3.73 9.02 1.52
C CYS A 9 3.96 8.85 3.04
N LYS A 10 4.04 7.61 3.52
CA LYS A 10 4.43 7.37 4.91
C LYS A 10 5.55 6.35 5.03
N GLU A 11 6.36 6.46 6.09
CA GLU A 11 7.49 5.58 6.26
C GLU A 11 7.13 4.34 7.09
N PHE A 12 7.61 3.21 6.60
CA PHE A 12 7.47 1.93 7.27
C PHE A 12 8.83 1.26 7.32
N LYS A 13 9.11 0.54 8.41
CA LYS A 13 10.17 -0.44 8.39
C LYS A 13 9.61 -1.56 7.56
N VAL A 14 10.38 -2.06 6.60
CA VAL A 14 9.92 -3.19 5.80
C VAL A 14 9.50 -4.40 6.62
N GLU A 15 10.11 -4.58 7.80
CA GLU A 15 9.88 -5.77 8.59
C GLU A 15 8.60 -5.64 9.37
N ASP A 16 8.25 -4.40 9.75
CA ASP A 16 6.95 -4.09 10.29
C ASP A 16 5.84 -4.38 9.26
N VAL A 17 6.18 -4.28 7.99
CA VAL A 17 5.24 -4.53 6.92
C VAL A 17 5.02 -6.02 6.74
N ILE A 18 6.09 -6.80 6.93
CA ILE A 18 5.99 -8.25 6.94
C ILE A 18 5.24 -8.74 8.17
N LYS A 19 5.59 -8.22 9.34
CA LYS A 19 4.86 -8.57 10.57
C LYS A 19 3.36 -8.32 10.43
N CYS A 20 3.00 -7.19 9.80
CA CYS A 20 1.60 -6.80 9.52
C CYS A 20 0.90 -7.76 8.58
N ALA A 21 1.57 -8.09 7.49
CA ALA A 21 1.02 -8.92 6.45
C ALA A 21 0.76 -10.30 6.98
N LEU A 22 1.73 -10.85 7.70
CA LEU A 22 1.68 -12.24 8.09
C LEU A 22 1.20 -12.37 9.54
N ASN A 23 1.03 -11.21 10.18
CA ASN A 23 0.41 -11.13 11.51
C ASN A 23 1.34 -11.76 12.52
N LEU A 24 2.54 -11.23 12.61
CA LEU A 24 3.58 -11.90 13.38
C LEU A 24 4.01 -11.02 14.52
N THR A 25 4.20 -11.61 15.68
CA THR A 25 4.92 -10.97 16.77
C THR A 25 6.40 -10.99 16.41
N LYS A 26 7.22 -10.42 17.27
CA LYS A 26 8.65 -10.32 16.99
C LYS A 26 9.36 -11.67 17.07
N ALA A 27 8.94 -12.50 18.02
CA ALA A 27 9.46 -13.85 18.15
C ALA A 27 9.17 -14.66 16.88
N ASP A 28 7.90 -14.70 16.49
CA ASP A 28 7.41 -15.26 15.22
C ASP A 28 8.31 -14.90 14.05
N LEU A 29 8.63 -13.61 13.96
CA LEU A 29 9.45 -13.13 12.84
C LEU A 29 10.88 -13.70 12.89
N ASN A 30 11.46 -13.73 14.08
CA ASN A 30 12.76 -14.36 14.30
C ASN A 30 12.80 -15.86 14.07
N VAL A 31 11.68 -16.53 14.28
CA VAL A 31 11.57 -17.96 14.01
C VAL A 31 11.51 -18.16 12.51
N MSE A 32 10.65 -17.39 11.83
CA MSE A 32 10.59 -17.44 10.35
C MSE A 32 11.96 -17.17 9.72
O MSE A 32 12.34 -17.85 8.80
CB MSE A 32 9.57 -16.44 9.80
CG MSE A 32 9.32 -16.60 8.29
SE MSE A 32 7.90 -15.39 7.66
CE MSE A 32 8.84 -13.84 8.13
N LYS A 33 12.67 -16.18 10.24
CA LYS A 33 14.02 -15.83 9.75
C LYS A 33 14.98 -17.05 9.77
N SER A 34 14.98 -17.81 10.86
CA SER A 34 15.85 -19.01 10.97
C SER A 34 15.61 -20.00 9.85
N PHE A 35 14.34 -20.11 9.45
CA PHE A 35 13.98 -21.03 8.41
C PHE A 35 14.41 -20.51 7.05
N LEU A 36 14.38 -19.19 6.89
CA LEU A 36 14.84 -18.54 5.64
C LEU A 36 16.36 -18.64 5.48
N ASN A 37 17.07 -18.54 6.60
CA ASN A 37 18.51 -18.77 6.65
C ASN A 37 18.89 -20.22 6.27
N GLU A 38 18.00 -21.17 6.58
CA GLU A 38 18.25 -22.58 6.22
C GLU A 38 17.11 -23.26 5.46
N PRO A 39 16.86 -22.79 4.21
CA PRO A 39 15.67 -23.15 3.43
C PRO A 39 15.48 -24.66 3.22
N ASP A 40 16.54 -25.42 3.54
CA ASP A 40 16.53 -26.89 3.36
C ASP A 40 16.50 -27.70 4.66
N ARG A 41 17.04 -27.13 5.74
CA ARG A 41 17.00 -27.78 7.05
C ARG A 41 15.55 -28.09 7.48
N TRP A 42 15.34 -29.33 7.95
CA TRP A 42 14.15 -29.71 8.71
C TRP A 42 14.50 -29.63 10.19
N ILE A 43 13.72 -28.91 10.97
CA ILE A 43 14.00 -28.78 12.39
C ILE A 43 12.80 -28.90 13.32
N ASP A 44 13.08 -29.46 14.50
CA ASP A 44 12.10 -29.65 15.53
C ASP A 44 12.08 -28.48 16.54
N THR A 45 11.00 -28.43 17.30
CA THR A 45 10.69 -27.27 18.12
C THR A 45 11.70 -27.12 19.24
N ASP A 46 12.00 -28.22 19.91
CA ASP A 46 12.99 -28.23 20.99
C ASP A 46 14.37 -27.74 20.55
N ALA A 47 14.86 -28.26 19.43
CA ALA A 47 16.18 -27.91 18.95
C ALA A 47 16.25 -26.46 18.50
N LEU A 48 15.08 -25.89 18.20
CA LEU A 48 15.00 -24.53 17.66
C LEU A 48 14.96 -23.51 18.79
N SER A 49 14.29 -23.89 19.87
CA SER A 49 14.15 -23.10 21.09
C SER A 49 15.52 -22.76 21.59
N LYS A 50 16.39 -23.77 21.54
CA LYS A 50 17.76 -23.64 21.98
C LYS A 50 18.51 -22.60 21.14
N SER A 51 18.61 -22.86 19.84
CA SER A 51 19.38 -22.04 18.89
C SER A 51 18.92 -20.58 18.84
N LEU A 52 17.73 -20.35 19.39
CA LEU A 52 17.09 -19.03 19.37
C LEU A 52 17.03 -18.44 20.78
N LYS A 53 17.21 -19.29 21.78
CA LYS A 53 17.30 -18.85 23.17
C LYS A 53 15.97 -18.26 23.63
N LEU A 54 14.92 -18.95 23.25
CA LEU A 54 13.55 -18.66 23.64
C LEU A 54 13.00 -19.93 24.29
N ASP A 55 12.00 -19.79 25.15
CA ASP A 55 11.44 -20.98 25.79
C ASP A 55 10.66 -21.80 24.75
N VAL A 56 10.76 -23.11 24.85
CA VAL A 56 10.13 -24.00 23.88
C VAL A 56 8.65 -23.64 23.60
N SER A 57 7.94 -23.12 24.62
CA SER A 57 6.51 -22.92 24.50
C SER A 57 6.17 -21.83 23.50
N THR A 58 7.09 -20.88 23.34
CA THR A 58 6.91 -19.72 22.47
C THR A 58 7.13 -20.16 21.04
N VAL A 59 8.31 -20.73 20.83
CA VAL A 59 8.75 -21.32 19.60
C VAL A 59 7.66 -22.24 19.04
N GLN A 60 7.05 -23.01 19.95
CA GLN A 60 5.91 -23.85 19.67
C GLN A 60 4.77 -23.07 19.01
N ARG A 61 4.36 -21.96 19.63
CA ARG A 61 3.28 -21.14 19.08
C ARG A 61 3.62 -20.46 17.72
N SER A 62 4.87 -20.08 17.55
CA SER A 62 5.28 -19.39 16.34
C SER A 62 5.22 -20.37 15.21
N VAL A 63 5.78 -21.54 15.49
CA VAL A 63 5.99 -22.55 14.49
C VAL A 63 4.64 -23.05 14.04
N LYS A 64 3.69 -23.11 14.95
CA LYS A 64 2.30 -23.56 14.67
C LYS A 64 1.57 -22.53 13.82
N LYS A 65 1.70 -21.27 14.18
CA LYS A 65 1.11 -20.17 13.43
C LYS A 65 1.66 -20.11 11.97
N LEU A 66 2.94 -20.41 11.80
CA LEU A 66 3.60 -20.39 10.47
C LEU A 66 3.25 -21.58 9.62
N HIS A 67 3.15 -22.74 10.26
CA HIS A 67 2.58 -23.91 9.60
C HIS A 67 1.13 -23.58 9.17
N GLU A 68 0.36 -22.97 10.06
CA GLU A 68 -1.02 -22.63 9.76
C GLU A 68 -1.09 -21.79 8.52
N LYS A 69 -0.14 -20.86 8.39
CA LYS A 69 -0.17 -19.91 7.28
C LYS A 69 0.44 -20.44 6.01
N GLU A 70 0.81 -21.72 6.02
CA GLU A 70 1.45 -22.34 4.88
C GLU A 70 2.77 -21.66 4.51
N ILE A 71 3.37 -20.99 5.51
CA ILE A 71 4.73 -20.54 5.42
C ILE A 71 5.67 -21.75 5.69
N LEU A 72 5.20 -22.72 6.50
CA LEU A 72 6.00 -23.89 6.89
C LEU A 72 5.34 -25.19 6.45
N GLN A 73 6.13 -26.14 5.98
CA GLN A 73 5.57 -27.49 5.88
C GLN A 73 5.93 -28.30 7.13
N ARG A 74 5.14 -29.32 7.43
CA ARG A 74 5.36 -30.10 8.64
C ARG A 74 5.62 -31.54 8.29
N SER A 75 6.55 -32.18 8.98
CA SER A 75 6.66 -33.62 8.89
C SER A 75 6.91 -34.24 10.27
N GLN A 76 7.05 -35.58 10.34
CA GLN A 76 7.33 -36.26 11.61
C GLN A 76 8.62 -37.09 11.63
N GLN A 77 9.28 -37.00 12.77
CA GLN A 77 10.42 -37.83 13.08
C GLN A 77 9.99 -38.85 14.16
N ASN A 78 10.10 -40.12 13.80
CA ASN A 78 9.83 -41.21 14.74
C ASN A 78 10.86 -41.29 15.86
N LEU A 79 10.39 -41.63 17.05
CA LEU A 79 11.22 -41.83 18.24
C LEU A 79 11.21 -43.32 18.67
N ASP A 80 12.30 -43.80 19.27
CA ASP A 80 12.42 -45.22 19.71
C ASP A 80 11.23 -45.76 20.45
N GLY A 81 10.61 -44.91 21.28
CA GLY A 81 9.51 -45.31 22.15
C GLY A 81 8.13 -45.38 21.51
N GLY A 82 8.05 -45.08 20.22
CA GLY A 82 6.78 -45.23 19.48
C GLY A 82 6.17 -43.88 19.20
N GLY A 83 6.77 -42.84 19.79
CA GLY A 83 6.30 -41.47 19.66
C GLY A 83 6.89 -40.77 18.45
N TYR A 84 6.62 -39.48 18.38
CA TYR A 84 7.17 -38.64 17.34
C TYR A 84 7.27 -37.23 17.86
N VAL A 85 8.10 -36.45 17.17
CA VAL A 85 8.09 -35.00 17.24
C VAL A 85 8.07 -34.41 15.82
N TYR A 86 7.21 -33.41 15.68
CA TYR A 86 7.04 -32.63 14.48
C TYR A 86 8.33 -31.96 14.07
N ILE A 87 8.64 -32.02 12.79
CA ILE A 87 9.72 -31.22 12.20
C ILE A 87 9.17 -30.30 11.09
N TYR A 88 9.87 -29.20 10.84
CA TYR A 88 9.38 -28.14 9.96
C TYR A 88 10.41 -27.68 8.97
N LYS A 89 9.94 -27.37 7.75
CA LYS A 89 10.81 -26.82 6.71
C LYS A 89 10.15 -25.61 6.05
N ILE A 90 10.97 -24.60 5.72
CA ILE A 90 10.48 -23.38 5.08
C ILE A 90 10.16 -23.67 3.62
N TYR A 91 8.92 -23.40 3.23
CA TYR A 91 8.50 -23.61 1.85
C TYR A 91 9.38 -22.86 0.85
N SER A 92 9.23 -23.28 -0.41
CA SER A 92 9.64 -22.54 -1.58
C SER A 92 9.77 -21.06 -1.24
N LYS A 93 10.83 -20.40 -1.70
CA LYS A 93 10.91 -18.94 -1.46
C LYS A 93 9.96 -18.15 -2.36
N ASN A 94 9.39 -18.84 -3.35
CA ASN A 94 8.40 -18.23 -4.23
C ASN A 94 7.02 -18.28 -3.61
N GLN A 95 6.82 -19.27 -2.72
CA GLN A 95 5.63 -19.36 -1.91
C GLN A 95 5.55 -18.15 -1.00
N ILE A 96 6.64 -17.85 -0.31
CA ILE A 96 6.67 -16.81 0.70
C ILE A 96 6.30 -15.44 0.12
N ARG A 97 6.95 -15.10 -1.00
CA ARG A 97 6.74 -13.85 -1.72
C ARG A 97 5.32 -13.79 -2.29
N ASN A 98 4.84 -14.90 -2.83
CA ASN A 98 3.50 -14.91 -3.43
C ASN A 98 2.40 -14.66 -2.38
N ILE A 99 2.65 -15.16 -1.17
CA ILE A 99 1.74 -15.03 -0.03
C ILE A 99 1.70 -13.58 0.43
N ILE A 100 2.87 -12.99 0.53
CA ILE A 100 3.00 -11.65 1.04
C ILE A 100 2.42 -10.68 0.00
N GLN A 101 2.71 -10.95 -1.28
CA GLN A 101 2.16 -10.12 -2.36
C GLN A 101 0.66 -10.19 -2.53
N LYS A 102 0.08 -11.39 -2.47
CA LYS A 102 -1.39 -11.48 -2.52
C LYS A 102 -1.96 -10.62 -1.40
N ILE A 103 -1.31 -10.64 -0.23
CA ILE A 103 -1.78 -9.78 0.87
C ILE A 103 -1.57 -8.30 0.60
N VAL A 104 -0.44 -7.93 0.04
CA VAL A 104 -0.19 -6.51 -0.19
C VAL A 104 -1.12 -6.02 -1.29
N GLN A 105 -1.39 -6.89 -2.24
CA GLN A 105 -2.31 -6.64 -3.29
C GLN A 105 -3.70 -6.40 -2.77
N SER A 106 -4.10 -7.19 -1.77
CA SER A 106 -5.47 -7.11 -1.23
C SER A 106 -5.59 -5.79 -0.53
N TRP A 107 -4.49 -5.29 0.06
CA TRP A 107 -4.52 -3.97 0.71
C TRP A 107 -4.79 -2.87 -0.30
N ALA A 108 -4.15 -3.04 -1.46
CA ALA A 108 -4.27 -2.13 -2.61
C ALA A 108 -5.68 -2.17 -3.19
N ASP A 109 -6.15 -3.39 -3.53
CA ASP A 109 -7.53 -3.62 -4.00
C ASP A 109 -8.56 -2.99 -3.10
N ARG A 110 -8.38 -3.06 -1.79
CA ARG A 110 -9.38 -2.55 -0.87
C ARG A 110 -9.36 -1.04 -0.72
N LEU A 111 -8.17 -0.44 -0.67
CA LEU A 111 -8.05 1.03 -0.61
C LEU A 111 -8.73 1.57 -1.85
N GLY A 112 -8.71 0.79 -2.92
CA GLY A 112 -9.54 1.08 -4.09
C GLY A 112 -11.00 1.28 -3.72
N GLN A 113 -11.62 0.27 -3.11
CA GLN A 113 -13.02 0.35 -2.67
C GLN A 113 -13.29 1.67 -1.95
N GLU A 114 -12.37 2.05 -1.06
CA GLU A 114 -12.53 3.25 -0.24
C GLU A 114 -12.43 4.56 -1.01
N LEU A 115 -12.24 4.45 -2.32
CA LEU A 115 -12.20 5.60 -3.23
C LEU A 115 -13.44 5.61 -4.12
N LYS A 116 -13.80 4.43 -4.65
CA LYS A 116 -15.08 4.21 -5.31
C LYS A 116 -16.23 4.33 -4.28
N GLU A 117 -16.03 5.24 -3.33
CA GLU A 117 -16.93 5.53 -2.21
C GLU A 117 -16.43 6.77 -1.45
N TRP A 118 -15.74 7.65 -2.19
CA TRP A 118 -15.22 8.91 -1.67
C TRP A 118 -16.11 10.08 -2.13
N GLU A 119 -16.66 9.96 -3.33
CA GLU A 119 -17.89 10.70 -3.68
C GLU A 119 -18.98 9.81 -4.31
N ASN A 120 -19.50 8.93 -3.44
CA ASN A 120 -20.61 7.99 -3.67
C ASN A 120 -20.50 6.87 -2.64
N SER B 1 -14.38 13.95 2.07
CA SER B 1 -14.75 12.83 3.00
C SER B 1 -14.32 13.13 4.43
N ASN B 2 -13.02 13.25 4.64
CA ASN B 2 -12.40 13.24 5.99
C ASN B 2 -12.37 11.82 6.61
N ALA B 3 -12.97 10.87 5.90
CA ALA B 3 -13.02 9.46 6.25
C ALA B 3 -11.63 8.82 6.40
N MSE B 4 -11.64 7.56 6.81
CA MSE B 4 -10.44 6.90 7.32
C MSE B 4 -10.23 5.55 6.66
O MSE B 4 -11.19 4.87 6.28
CB MSE B 4 -10.56 6.71 8.83
CG MSE B 4 -9.26 6.87 9.55
SE MSE B 4 -8.79 8.73 9.49
CE MSE B 4 -7.14 8.62 10.55
N ILE B 5 -8.97 5.18 6.51
CA ILE B 5 -8.61 3.90 5.91
C ILE B 5 -7.28 3.38 6.48
N ASP B 6 -7.10 2.06 6.44
CA ASP B 6 -5.98 1.38 7.08
C ASP B 6 -5.25 0.52 6.07
N PHE B 7 -3.99 0.91 5.88
CA PHE B 7 -3.13 0.24 4.98
C PHE B 7 -1.92 -0.12 5.79
N ALA B 8 -1.48 -1.36 5.64
CA ALA B 8 -0.33 -1.92 6.37
C ALA B 8 -0.32 -1.50 7.82
N CYS B 9 -1.45 -1.67 8.49
CA CYS B 9 -1.51 -1.55 9.95
C CYS B 9 -1.12 -0.13 10.36
N LYS B 10 -1.34 0.81 9.44
CA LYS B 10 -1.27 2.25 9.75
C LYS B 10 -2.47 3.01 9.24
N GLU B 11 -2.72 4.17 9.87
CA GLU B 11 -3.98 4.91 9.74
C GLU B 11 -3.86 5.94 8.64
N PHE B 12 -4.74 5.88 7.64
CA PHE B 12 -4.72 6.90 6.56
C PHE B 12 -6.02 7.72 6.41
N LYS B 13 -5.86 9.03 6.44
CA LYS B 13 -6.90 9.92 5.94
C LYS B 13 -6.94 9.73 4.44
N VAL B 14 -8.11 9.36 3.94
CA VAL B 14 -8.33 9.06 2.54
C VAL B 14 -7.91 10.20 1.59
N GLU B 15 -7.96 11.42 2.08
CA GLU B 15 -7.69 12.57 1.21
C GLU B 15 -6.22 12.90 1.19
N ASP B 16 -5.52 12.60 2.29
CA ASP B 16 -4.06 12.53 2.29
C ASP B 16 -3.56 11.50 1.25
N VAL B 17 -4.32 10.42 1.05
CA VAL B 17 -3.90 9.39 0.13
C VAL B 17 -4.02 9.88 -1.31
N ILE B 18 -5.13 10.57 -1.56
CA ILE B 18 -5.39 11.20 -2.84
C ILE B 18 -4.42 12.34 -3.05
N LYS B 19 -4.13 13.13 -2.03
CA LYS B 19 -3.08 14.14 -2.23
C LYS B 19 -1.71 13.55 -2.57
N CYS B 20 -1.40 12.39 -1.98
CA CYS B 20 -0.14 11.68 -2.24
C CYS B 20 -0.08 11.21 -3.68
N ALA B 21 -1.13 10.57 -4.12
CA ALA B 21 -1.13 9.91 -5.38
C ALA B 21 -1.03 10.93 -6.55
N LEU B 22 -1.70 12.06 -6.38
CA LEU B 22 -1.86 13.00 -7.44
C LEU B 22 -0.95 14.20 -7.18
N ASN B 23 -0.19 14.11 -6.08
CA ASN B 23 0.75 15.15 -5.69
C ASN B 23 0.10 16.51 -5.59
N LEU B 24 -0.95 16.59 -4.78
CA LEU B 24 -1.77 17.79 -4.64
C LEU B 24 -1.45 18.54 -3.33
N THR B 25 -1.35 19.86 -3.40
CA THR B 25 -1.45 20.63 -2.14
C THR B 25 -2.89 20.68 -1.65
N LYS B 26 -3.05 21.21 -0.43
CA LYS B 26 -4.37 21.51 0.16
C LYS B 26 -5.24 22.27 -0.83
N ALA B 27 -4.64 23.28 -1.46
CA ALA B 27 -5.30 24.15 -2.40
C ALA B 27 -5.70 23.44 -3.69
N ASP B 28 -4.76 22.69 -4.30
CA ASP B 28 -5.04 21.90 -5.51
C ASP B 28 -6.21 20.99 -5.29
N LEU B 29 -6.27 20.42 -4.11
CA LEU B 29 -7.29 19.46 -3.79
C LEU B 29 -8.64 20.18 -3.70
N ASN B 30 -8.65 21.28 -2.95
CA ASN B 30 -9.82 22.17 -2.88
C ASN B 30 -10.27 22.73 -4.22
N VAL B 31 -9.33 22.95 -5.14
CA VAL B 31 -9.71 23.27 -6.52
C VAL B 31 -10.32 22.05 -7.20
N MSE B 32 -9.69 20.88 -7.07
CA MSE B 32 -10.30 19.68 -7.63
C MSE B 32 -11.72 19.46 -7.06
O MSE B 32 -12.61 19.09 -7.83
CB MSE B 32 -9.46 18.43 -7.33
CG MSE B 32 -9.95 17.15 -8.01
SE MSE B 32 -8.65 15.78 -7.56
CE MSE B 32 -8.69 14.73 -9.12
N LYS B 33 -11.87 19.69 -5.74
CA LYS B 33 -13.17 19.50 -5.04
C LYS B 33 -14.21 20.46 -5.65
N SER B 34 -13.79 21.71 -5.89
CA SER B 34 -14.61 22.72 -6.54
C SER B 34 -15.21 22.29 -7.88
N PHE B 35 -14.39 21.59 -8.69
CA PHE B 35 -14.84 21.08 -9.97
C PHE B 35 -15.80 19.92 -9.72
N LEU B 36 -15.40 19.04 -8.78
CA LEU B 36 -16.20 17.88 -8.39
C LEU B 36 -17.59 18.24 -7.85
N ASN B 37 -17.65 19.33 -7.10
CA ASN B 37 -18.87 19.85 -6.51
C ASN B 37 -19.86 20.40 -7.57
N GLU B 38 -19.34 20.82 -8.73
CA GLU B 38 -20.16 21.14 -9.92
C GLU B 38 -19.67 20.38 -11.18
N PRO B 39 -19.98 19.07 -11.28
CA PRO B 39 -19.38 18.20 -12.30
C PRO B 39 -19.57 18.67 -13.75
N ASP B 40 -20.70 19.33 -14.02
CA ASP B 40 -21.12 19.60 -15.41
C ASP B 40 -20.66 20.95 -15.94
N ARG B 41 -20.16 21.79 -15.03
CA ARG B 41 -19.80 23.15 -15.37
C ARG B 41 -18.49 23.26 -16.12
N TRP B 42 -18.44 24.24 -17.00
CA TRP B 42 -17.19 24.72 -17.56
C TRP B 42 -16.89 26.04 -16.86
N ILE B 43 -15.76 26.05 -16.16
CA ILE B 43 -15.39 27.19 -15.33
C ILE B 43 -14.01 27.67 -15.78
N ASP B 44 -13.75 28.95 -15.58
CA ASP B 44 -12.43 29.49 -15.84
C ASP B 44 -11.76 29.88 -14.53
N THR B 45 -10.47 30.17 -14.62
CA THR B 45 -9.66 30.46 -13.44
C THR B 45 -10.00 31.80 -12.79
N ASP B 46 -10.44 32.77 -13.58
CA ASP B 46 -10.95 34.02 -13.05
C ASP B 46 -12.24 33.79 -12.24
N ALA B 47 -13.19 33.09 -12.82
CA ALA B 47 -14.43 32.72 -12.12
C ALA B 47 -14.14 31.93 -10.84
N LEU B 48 -13.23 30.97 -10.95
CA LEU B 48 -12.92 30.07 -9.86
C LEU B 48 -12.20 30.80 -8.73
N SER B 49 -11.40 31.79 -9.11
CA SER B 49 -10.66 32.61 -8.15
C SER B 49 -11.63 33.40 -7.29
N LYS B 50 -12.74 33.81 -7.90
CA LYS B 50 -13.81 34.50 -7.20
C LYS B 50 -14.62 33.48 -6.40
N SER B 51 -14.82 32.30 -6.98
CA SER B 51 -15.65 31.23 -6.40
C SER B 51 -15.11 30.78 -5.05
N LEU B 52 -13.79 30.63 -4.99
CA LEU B 52 -13.05 30.36 -3.76
C LEU B 52 -12.50 31.71 -3.32
N LYS B 53 -11.67 31.73 -2.29
CA LYS B 53 -11.04 32.99 -1.90
C LYS B 53 -9.53 32.89 -2.10
N LEU B 54 -9.10 33.08 -3.35
CA LEU B 54 -7.74 32.75 -3.76
C LEU B 54 -7.24 33.61 -4.91
N ASP B 55 -5.93 33.83 -4.93
CA ASP B 55 -5.31 34.61 -5.98
C ASP B 55 -5.20 33.80 -7.26
N VAL B 56 -5.69 34.37 -8.36
CA VAL B 56 -5.67 33.77 -9.68
C VAL B 56 -4.44 32.91 -9.93
N SER B 57 -3.29 33.38 -9.47
CA SER B 57 -2.03 32.72 -9.75
C SER B 57 -1.97 31.31 -9.19
N THR B 58 -2.43 31.13 -7.94
CA THR B 58 -2.44 29.79 -7.35
C THR B 58 -3.53 28.92 -7.97
N VAL B 59 -4.68 29.51 -8.28
CA VAL B 59 -5.77 28.79 -8.99
C VAL B 59 -5.30 28.34 -10.38
N GLN B 60 -4.54 29.18 -11.07
CA GLN B 60 -3.95 28.83 -12.37
C GLN B 60 -2.97 27.67 -12.25
N ARG B 61 -2.25 27.65 -11.15
CA ARG B 61 -1.24 26.67 -10.89
C ARG B 61 -1.88 25.29 -10.66
N SER B 62 -2.95 25.24 -9.87
CA SER B 62 -3.64 23.98 -9.55
C SER B 62 -4.22 23.43 -10.82
N VAL B 63 -4.80 24.34 -11.60
CA VAL B 63 -5.60 23.99 -12.75
C VAL B 63 -4.70 23.51 -13.84
N LYS B 64 -3.49 24.05 -13.91
CA LYS B 64 -2.52 23.61 -14.89
C LYS B 64 -2.04 22.20 -14.60
N LYS B 65 -1.71 21.95 -13.34
CA LYS B 65 -1.28 20.66 -12.87
C LYS B 65 -2.33 19.56 -13.13
N LEU B 66 -3.59 19.88 -12.87
CA LEU B 66 -4.68 18.92 -12.96
C LEU B 66 -4.89 18.55 -14.40
N HIS B 67 -4.98 19.58 -15.23
CA HIS B 67 -4.94 19.40 -16.67
C HIS B 67 -3.76 18.51 -17.12
N GLU B 68 -2.54 18.78 -16.62
CA GLU B 68 -1.36 17.95 -16.98
C GLU B 68 -1.50 16.52 -16.47
N LYS B 69 -2.23 16.34 -15.37
CA LYS B 69 -2.42 15.04 -14.77
C LYS B 69 -3.66 14.33 -15.29
N GLU B 70 -4.34 14.95 -16.27
CA GLU B 70 -5.53 14.41 -16.93
C GLU B 70 -6.75 14.30 -16.03
N ILE B 71 -6.79 15.12 -14.99
CA ILE B 71 -7.98 15.19 -14.13
C ILE B 71 -9.03 16.16 -14.74
N LEU B 72 -8.57 17.05 -15.62
CA LEU B 72 -9.38 18.16 -16.07
C LEU B 72 -9.36 18.16 -17.59
N GLN B 73 -10.53 18.32 -18.19
CA GLN B 73 -10.67 18.61 -19.61
C GLN B 73 -10.54 20.13 -19.81
N ARG B 74 -9.91 20.53 -20.91
CA ARG B 74 -9.75 21.96 -21.21
C ARG B 74 -10.31 22.35 -22.57
N SER B 75 -11.20 23.34 -22.58
CA SER B 75 -11.68 23.96 -23.82
C SER B 75 -11.36 25.47 -23.87
N GLN B 76 -11.91 26.16 -24.89
CA GLN B 76 -11.71 27.60 -25.11
C GLN B 76 -13.01 28.34 -25.30
N GLN B 77 -13.18 29.46 -24.58
CA GLN B 77 -14.21 30.45 -24.94
C GLN B 77 -13.53 31.62 -25.69
N ASN B 78 -13.65 31.63 -27.01
CA ASN B 78 -13.17 32.73 -27.84
C ASN B 78 -13.83 34.07 -27.45
N LEU B 79 -13.05 35.16 -27.50
CA LEU B 79 -13.50 36.49 -27.01
C LEU B 79 -13.70 37.48 -28.17
N ASP B 80 -14.56 38.48 -27.99
CA ASP B 80 -14.87 39.50 -29.03
C ASP B 80 -13.66 40.09 -29.69
N GLY B 81 -12.72 40.53 -28.87
CA GLY B 81 -11.47 41.13 -29.37
C GLY B 81 -10.43 40.21 -29.99
N GLY B 82 -10.74 38.93 -30.16
CA GLY B 82 -9.78 38.01 -30.83
C GLY B 82 -8.92 37.14 -29.92
N GLY B 83 -9.02 37.33 -28.61
CA GLY B 83 -8.34 36.41 -27.69
C GLY B 83 -9.17 35.19 -27.26
N TYR B 84 -8.62 34.43 -26.33
CA TYR B 84 -9.36 33.32 -25.72
C TYR B 84 -9.05 33.22 -24.23
N VAL B 85 -9.96 32.55 -23.53
CA VAL B 85 -9.81 32.21 -22.13
C VAL B 85 -10.06 30.68 -22.01
N TYR B 86 -9.08 29.95 -21.46
CA TYR B 86 -9.20 28.50 -21.28
C TYR B 86 -10.32 28.24 -20.32
N ILE B 87 -11.16 27.28 -20.63
CA ILE B 87 -12.14 26.81 -19.63
C ILE B 87 -11.98 25.31 -19.38
N TYR B 88 -12.30 24.86 -18.16
CA TYR B 88 -12.03 23.48 -17.73
C TYR B 88 -13.25 22.76 -17.23
N LYS B 89 -13.33 21.46 -17.54
CA LYS B 89 -14.42 20.63 -17.00
C LYS B 89 -13.83 19.32 -16.42
N ILE B 90 -14.21 19.00 -15.19
CA ILE B 90 -13.65 17.81 -14.55
C ILE B 90 -14.11 16.56 -15.30
N TYR B 91 -13.20 15.63 -15.58
CA TYR B 91 -13.60 14.34 -16.13
C TYR B 91 -14.48 13.52 -15.17
N SER B 92 -15.13 12.48 -15.70
CA SER B 92 -15.99 11.59 -14.90
C SER B 92 -15.27 11.02 -13.67
N LYS B 93 -16.07 10.68 -12.65
CA LYS B 93 -15.56 10.06 -11.42
C LYS B 93 -14.76 8.76 -11.69
N ASN B 94 -14.67 8.38 -12.96
CA ASN B 94 -14.28 7.04 -13.38
C ASN B 94 -13.03 7.00 -14.23
N GLN B 95 -12.87 8.01 -15.08
CA GLN B 95 -11.64 8.20 -15.81
C GLN B 95 -10.53 8.42 -14.78
N ILE B 96 -10.97 8.85 -13.60
CA ILE B 96 -10.11 9.37 -12.56
C ILE B 96 -9.75 8.25 -11.58
N ARG B 97 -10.76 7.46 -11.22
CA ARG B 97 -10.56 6.25 -10.46
C ARG B 97 -9.41 5.49 -11.12
N ASN B 98 -9.47 5.30 -12.42
CA ASN B 98 -8.42 4.55 -13.08
C ASN B 98 -7.04 5.20 -12.91
N ILE B 99 -7.00 6.52 -12.85
CA ILE B 99 -5.72 7.26 -12.73
C ILE B 99 -5.13 6.95 -11.37
N ILE B 100 -5.94 7.15 -10.36
CA ILE B 100 -5.57 6.91 -8.98
C ILE B 100 -5.16 5.43 -8.72
N GLN B 101 -5.93 4.49 -9.28
CA GLN B 101 -5.65 3.06 -9.04
C GLN B 101 -4.41 2.58 -9.73
N LYS B 102 -4.15 3.13 -10.92
CA LYS B 102 -2.92 2.85 -11.60
C LYS B 102 -1.78 3.18 -10.66
N ILE B 103 -1.89 4.33 -10.03
CA ILE B 103 -0.88 4.84 -9.10
C ILE B 103 -0.75 4.03 -7.79
N VAL B 104 -1.86 3.73 -7.14
CA VAL B 104 -1.88 2.80 -6.00
C VAL B 104 -1.31 1.43 -6.42
N GLN B 105 -1.69 0.96 -7.60
CA GLN B 105 -1.16 -0.32 -8.04
C GLN B 105 0.39 -0.29 -8.05
N SER B 106 0.95 0.79 -8.63
CA SER B 106 2.43 0.90 -8.74
C SER B 106 3.10 0.97 -7.38
N TRP B 107 2.42 1.53 -6.39
CA TRP B 107 2.94 1.54 -5.01
C TRP B 107 3.06 0.11 -4.51
N ALA B 108 2.01 -0.67 -4.78
CA ALA B 108 2.01 -2.10 -4.39
C ALA B 108 3.10 -2.89 -5.11
N ASP B 109 3.31 -2.60 -6.41
CA ASP B 109 4.41 -3.22 -7.16
C ASP B 109 5.76 -2.88 -6.57
N ARG B 110 6.01 -1.59 -6.26
CA ARG B 110 7.33 -1.20 -5.72
C ARG B 110 7.61 -1.87 -4.40
N LEU B 111 6.66 -1.79 -3.47
CA LEU B 111 6.75 -2.49 -2.16
C LEU B 111 7.03 -3.98 -2.41
N GLY B 112 6.42 -4.52 -3.46
CA GLY B 112 6.72 -5.86 -3.92
C GLY B 112 8.20 -6.13 -4.15
N GLN B 113 8.82 -5.37 -5.07
CA GLN B 113 10.26 -5.45 -5.36
C GLN B 113 11.15 -5.28 -4.14
N GLU B 114 10.76 -4.38 -3.25
CA GLU B 114 11.53 -4.11 -2.04
C GLU B 114 11.53 -5.27 -1.10
N LEU B 115 10.44 -6.03 -1.08
CA LEU B 115 10.39 -7.22 -0.24
C LEU B 115 11.29 -8.37 -0.68
N LYS B 116 11.66 -8.42 -1.96
CA LYS B 116 12.51 -9.53 -2.41
C LYS B 116 14.00 -9.20 -2.38
N GLU B 117 14.32 -7.92 -2.11
CA GLU B 117 15.63 -7.50 -1.61
C GLU B 117 15.70 -7.66 -0.11
N TRP B 118 14.59 -8.08 0.50
CA TRP B 118 14.57 -8.34 1.92
C TRP B 118 15.09 -9.75 2.16
N GLU B 119 14.50 -10.70 1.45
CA GLU B 119 14.90 -12.11 1.52
C GLU B 119 16.34 -12.29 1.01
N ASN B 120 16.57 -11.94 -0.26
CA ASN B 120 17.92 -11.97 -0.86
C ASN B 120 18.83 -10.77 -0.45
N GLY B 121 19.25 -10.78 0.81
CA GLY B 121 19.97 -9.66 1.43
C GLY B 121 19.73 -9.66 2.94
N GLY B 122 18.78 -10.48 3.37
CA GLY B 122 18.46 -10.67 4.79
C GLY B 122 19.42 -11.63 5.47
N GLU B 123 20.15 -12.41 4.66
CA GLU B 123 21.24 -13.29 5.15
C GLU B 123 20.74 -14.44 6.04
#